data_5X6N
#
_entry.id   5X6N
#
_cell.length_a   60.570
_cell.length_b   60.570
_cell.length_c   241.050
_cell.angle_alpha   90.00
_cell.angle_beta   90.00
_cell.angle_gamma   90.00
#
_symmetry.space_group_name_H-M   'P 43 21 2'
#
loop_
_entity.id
_entity.type
_entity.pdbx_description
1 polymer 'Duffy binding protein'
2 non-polymer 'octyl beta-D-glucopyranoside'
3 non-polymer 'SULFATE ION'
4 water water
#
_entity_poly.entity_id   1
_entity_poly.type   'polypeptide(L)'
_entity_poly.pdbx_seq_one_letter_code
;MVINQTFLQNNVMDKCNDKRKRGERDWDCPAEKDICISDRRYQLCMKELTNLVNNTRTHSHNDITFLKLNLKRKLMYDAA
VEGDLLLKKNNYQYNKEFCKDIRWGLGDFGDIIMGTNMEGIGYSQVVENNLRSIFGTDEKAKQDRKQWWNESKEHIWRAM
MFSLRSRLKEKFVWICKKDVTLKVEPQIYRWIREWGRDYMSELPKEQGKLNEKCASKLYYNNMAICMLPLCHDACKSYDQ
WITRKKKQWDVLSTKFSSVKKTQKIGTENIATAYDILKQELNGFKEATFENEINKRDNLYNHLCPCVVEEARKNTQENVK
NVGSGVESKAASSNPITE
;
_entity_poly.pdbx_strand_id   A
#
loop_
_chem_comp.id
_chem_comp.type
_chem_comp.name
_chem_comp.formula
BOG D-saccharide 'octyl beta-D-glucopyranoside' 'C14 H28 O6'
SO4 non-polymer 'SULFATE ION' 'O4 S -2'
#
# COMPACT_ATOMS: atom_id res chain seq x y z
N LYS A 15 -6.15 -7.62 18.93
CA LYS A 15 -7.41 -6.99 18.52
C LYS A 15 -7.26 -6.29 17.18
N CYS A 16 -8.15 -6.61 16.25
CA CYS A 16 -8.19 -5.94 14.95
C CYS A 16 -9.12 -4.73 15.03
N ASN A 17 -8.54 -3.55 15.18
CA ASN A 17 -9.31 -2.33 15.36
C ASN A 17 -9.83 -1.77 14.05
N ASP A 18 -10.75 -0.81 14.14
CA ASP A 18 -11.30 -0.15 12.96
C ASP A 18 -10.19 0.59 12.20
N LYS A 19 -10.12 0.34 10.90
CA LYS A 19 -9.11 0.93 10.04
C LYS A 19 -9.24 2.45 9.98
N ARG A 20 -8.10 3.14 10.09
CA ARG A 20 -8.07 4.59 9.94
C ARG A 20 -8.11 4.97 8.47
N LYS A 21 -8.65 6.16 8.19
CA LYS A 21 -8.71 6.69 6.83
C LYS A 21 -7.34 6.66 6.15
N ARG A 22 -7.32 6.35 4.86
CA ARG A 22 -6.07 6.42 4.11
C ARG A 22 -5.63 7.87 3.97
N GLY A 23 -4.47 8.19 4.51
CA GLY A 23 -3.95 9.53 4.46
C GLY A 23 -3.72 10.12 5.84
N GLU A 24 -4.35 9.53 6.85
CA GLU A 24 -4.20 10.01 8.22
C GLU A 24 -2.76 9.80 8.69
N ARG A 25 -2.18 8.67 8.31
CA ARG A 25 -0.77 8.39 8.57
C ARG A 25 -0.09 7.96 7.28
N ASP A 26 0.86 8.76 6.81
CA ASP A 26 1.56 8.45 5.56
C ASP A 26 2.48 7.24 5.74
N TRP A 27 3.13 6.82 4.66
CA TRP A 27 4.08 5.71 4.72
C TRP A 27 5.16 5.96 5.78
N ASP A 28 5.63 4.89 6.39
CA ASP A 28 6.57 5.01 7.50
C ASP A 28 7.92 4.39 7.16
N CYS A 29 8.92 5.22 6.94
CA CYS A 29 10.19 4.67 6.63
C CYS A 29 10.85 4.86 7.97
N PRO A 30 10.93 3.76 8.66
CA PRO A 30 11.46 3.68 10.00
C PRO A 30 12.95 3.83 10.01
N ALA A 31 13.47 4.26 11.15
CA ALA A 31 14.88 4.50 11.26
C ALA A 31 15.68 3.25 10.98
N GLU A 32 16.72 3.42 10.17
CA GLU A 32 17.61 2.33 9.84
C GLU A 32 16.89 1.10 9.34
N LYS A 33 16.04 1.25 8.33
CA LYS A 33 15.34 0.09 7.81
C LYS A 33 15.42 -0.02 6.31
N ASP A 34 15.26 -1.22 5.78
CA ASP A 34 15.38 -1.44 4.34
C ASP A 34 14.11 -1.06 3.58
N ILE A 35 13.05 -0.70 4.28
CA ILE A 35 11.81 -0.40 3.60
C ILE A 35 10.95 0.69 4.25
N CYS A 36 9.79 0.92 3.66
CA CYS A 36 8.80 1.91 4.09
C CYS A 36 7.48 1.13 4.16
N ILE A 37 6.76 1.25 5.27
CA ILE A 37 5.53 0.50 5.44
C ILE A 37 4.31 1.42 5.50
N SER A 38 3.21 0.97 4.92
CA SER A 38 1.97 1.75 4.91
C SER A 38 1.12 1.49 6.15
N ASP A 39 0.23 2.42 6.46
CA ASP A 39 -0.68 2.28 7.60
C ASP A 39 -1.72 1.21 7.30
N ARG A 40 -1.76 0.77 6.05
CA ARG A 40 -2.67 -0.29 5.64
C ARG A 40 -2.25 -1.63 6.23
N ARG A 41 -0.95 -1.82 6.42
CA ARG A 41 -0.46 -3.09 6.96
C ARG A 41 -0.29 -3.05 8.47
N TYR A 42 -0.03 -1.88 9.03
CA TYR A 42 0.06 -1.73 10.49
C TYR A 42 -1.27 -2.08 11.15
N GLN A 43 -2.33 -2.08 10.35
CA GLN A 43 -3.67 -2.39 10.82
C GLN A 43 -4.13 -3.77 10.37
N LEU A 44 -3.30 -4.44 9.57
CA LEU A 44 -3.64 -5.75 9.01
C LEU A 44 -4.04 -6.73 10.08
N CYS A 45 -5.25 -7.28 9.95
CA CYS A 45 -5.80 -8.19 10.94
C CYS A 45 -4.96 -9.46 11.05
N MET A 46 -4.19 -9.55 12.12
CA MET A 46 -3.35 -10.72 12.37
C MET A 46 -3.64 -11.32 13.74
N LYS A 47 -4.85 -11.08 14.25
CA LYS A 47 -5.20 -11.49 15.61
C LYS A 47 -5.10 -13.00 15.82
N GLU A 48 -5.96 -13.74 15.14
CA GLU A 48 -6.07 -15.18 15.34
C GLU A 48 -4.77 -15.93 15.02
N LEU A 49 -3.91 -15.29 14.23
CA LEU A 49 -2.60 -15.85 13.94
C LEU A 49 -1.68 -15.71 15.16
N THR A 50 -1.69 -14.53 15.77
CA THR A 50 -0.87 -14.27 16.95
C THR A 50 -1.57 -14.74 18.22
N ASN A 51 -2.34 -15.81 18.10
CA ASN A 51 -3.07 -16.37 19.24
C ASN A 51 -2.87 -17.87 19.32
N LEU A 52 -3.00 -18.53 18.17
CA LEU A 52 -2.83 -19.98 18.06
C LEU A 52 -3.72 -20.75 19.03
N ILE A 64 -0.99 -33.27 13.95
CA ILE A 64 -0.96 -33.78 12.59
C ILE A 64 -1.52 -32.75 11.60
N THR A 65 -2.48 -33.17 10.79
CA THR A 65 -3.11 -32.30 9.82
C THR A 65 -4.04 -31.31 10.51
N PHE A 66 -4.50 -31.70 11.69
CA PHE A 66 -5.38 -30.88 12.53
C PHE A 66 -4.81 -29.49 12.76
N LEU A 67 -3.49 -29.42 12.88
CA LEU A 67 -2.79 -28.15 13.11
C LEU A 67 -2.96 -27.23 11.90
N LYS A 68 -2.70 -27.76 10.71
CA LYS A 68 -2.85 -27.00 9.47
C LYS A 68 -4.30 -26.58 9.26
N LEU A 69 -5.23 -27.45 9.65
CA LEU A 69 -6.65 -27.12 9.54
C LEU A 69 -7.02 -25.98 10.46
N ASN A 70 -6.52 -26.03 11.70
CA ASN A 70 -6.79 -25.00 12.68
C ASN A 70 -6.23 -23.65 12.25
N LEU A 71 -4.98 -23.65 11.79
CA LEU A 71 -4.36 -22.43 11.29
C LEU A 71 -5.12 -21.90 10.08
N LYS A 72 -5.63 -22.83 9.26
CA LYS A 72 -6.45 -22.46 8.11
C LYS A 72 -7.68 -21.69 8.58
N ARG A 73 -8.36 -22.21 9.60
CA ARG A 73 -9.56 -21.56 10.13
C ARG A 73 -9.25 -20.19 10.74
N LYS A 74 -8.17 -20.11 11.51
CA LYS A 74 -7.74 -18.85 12.11
C LYS A 74 -7.49 -17.80 11.02
N LEU A 75 -6.78 -18.22 9.98
CA LEU A 75 -6.49 -17.34 8.85
C LEU A 75 -7.78 -16.94 8.15
N MET A 76 -8.76 -17.83 8.14
CA MET A 76 -10.08 -17.53 7.58
C MET A 76 -10.71 -16.38 8.36
N TYR A 77 -10.68 -16.49 9.69
CA TYR A 77 -11.22 -15.45 10.55
C TYR A 77 -10.54 -14.10 10.30
N ASP A 78 -9.21 -14.09 10.36
CA ASP A 78 -8.47 -12.85 10.17
C ASP A 78 -8.69 -12.23 8.79
N ALA A 79 -8.74 -13.07 7.76
CA ALA A 79 -8.96 -12.60 6.40
C ALA A 79 -10.36 -11.99 6.26
N ALA A 80 -11.36 -12.69 6.79
CA ALA A 80 -12.73 -12.21 6.75
C ALA A 80 -12.87 -10.86 7.45
N VAL A 81 -12.36 -10.77 8.67
CA VAL A 81 -12.42 -9.54 9.44
C VAL A 81 -11.68 -8.41 8.72
N GLU A 82 -10.55 -8.74 8.10
CA GLU A 82 -9.80 -7.75 7.34
C GLU A 82 -10.63 -7.22 6.18
N GLY A 83 -11.31 -8.11 5.47
CA GLY A 83 -12.19 -7.70 4.38
C GLY A 83 -13.31 -6.79 4.85
N ASP A 84 -13.94 -7.17 5.96
CA ASP A 84 -15.03 -6.38 6.52
C ASP A 84 -14.57 -4.99 6.95
N LEU A 85 -13.43 -4.92 7.64
CA LEU A 85 -12.89 -3.66 8.13
C LEU A 85 -12.37 -2.78 7.00
N LEU A 86 -11.96 -3.42 5.91
CA LEU A 86 -11.54 -2.69 4.72
C LEU A 86 -12.76 -2.09 4.04
N LEU A 87 -13.85 -2.85 4.00
CA LEU A 87 -15.09 -2.35 3.43
C LEU A 87 -15.59 -1.17 4.26
N LYS A 88 -15.55 -1.31 5.57
CA LYS A 88 -15.93 -0.22 6.46
C LYS A 88 -15.03 0.99 6.25
N LYS A 89 -13.75 0.74 5.98
CA LYS A 89 -12.78 1.82 5.83
C LYS A 89 -13.07 2.74 4.64
N ASN A 90 -13.69 2.19 3.59
CA ASN A 90 -14.00 2.93 2.37
C ASN A 90 -15.49 3.21 2.36
N ASN A 91 -16.02 3.51 3.55
CA ASN A 91 -17.41 3.89 3.76
C ASN A 91 -18.41 2.97 3.07
N TYR A 92 -18.14 1.67 3.09
CA TYR A 92 -19.05 0.69 2.49
C TYR A 92 -19.25 0.90 1.00
N GLN A 93 -18.20 1.39 0.32
CA GLN A 93 -18.22 1.57 -1.14
C GLN A 93 -17.47 0.46 -1.86
N TYR A 94 -18.18 -0.32 -2.66
CA TYR A 94 -17.56 -1.33 -3.50
C TYR A 94 -16.92 -0.67 -4.71
N ASN A 95 -15.60 -0.47 -4.67
CA ASN A 95 -14.91 0.18 -5.77
C ASN A 95 -13.47 -0.29 -5.96
N LYS A 96 -12.73 0.42 -6.80
CA LYS A 96 -11.36 0.02 -7.17
C LYS A 96 -10.41 0.06 -5.99
N GLU A 97 -10.51 1.10 -5.15
CA GLU A 97 -9.65 1.23 -3.97
C GLU A 97 -9.82 0.03 -3.04
N PHE A 98 -11.07 -0.36 -2.85
CA PHE A 98 -11.40 -1.53 -2.03
C PHE A 98 -10.74 -2.80 -2.55
N CYS A 99 -10.93 -3.06 -3.85
CA CYS A 99 -10.35 -4.23 -4.49
C CYS A 99 -8.82 -4.23 -4.36
N LYS A 100 -8.23 -3.06 -4.51
CA LYS A 100 -6.79 -2.90 -4.35
C LYS A 100 -6.35 -3.31 -2.94
N ASP A 101 -7.06 -2.78 -1.95
CA ASP A 101 -6.75 -3.12 -0.56
C ASP A 101 -6.90 -4.62 -0.28
N ILE A 102 -7.92 -5.24 -0.88
CA ILE A 102 -8.09 -6.69 -0.77
C ILE A 102 -6.87 -7.40 -1.33
N ARG A 103 -6.43 -6.96 -2.50
CA ARG A 103 -5.25 -7.51 -3.15
C ARG A 103 -4.00 -7.42 -2.27
N TRP A 104 -3.76 -6.23 -1.73
CA TRP A 104 -2.59 -6.01 -0.87
C TRP A 104 -2.64 -6.85 0.40
N GLY A 105 -3.80 -6.87 1.04
CA GLY A 105 -3.98 -7.60 2.28
C GLY A 105 -3.76 -9.09 2.07
N LEU A 106 -4.31 -9.61 0.97
CA LEU A 106 -4.12 -11.02 0.64
C LEU A 106 -2.66 -11.33 0.37
N GLY A 107 -2.00 -10.46 -0.37
CA GLY A 107 -0.58 -10.63 -0.65
C GLY A 107 0.27 -10.67 0.60
N ASP A 108 0.03 -9.72 1.49
CA ASP A 108 0.76 -9.63 2.75
C ASP A 108 0.51 -10.86 3.60
N PHE A 109 -0.76 -11.30 3.64
CA PHE A 109 -1.10 -12.58 4.26
C PHE A 109 -0.23 -13.69 3.69
N GLY A 110 -0.03 -13.64 2.37
CA GLY A 110 0.79 -14.62 1.68
C GLY A 110 2.23 -14.63 2.14
N ASP A 111 2.88 -13.46 2.12
CA ASP A 111 4.28 -13.37 2.54
C ASP A 111 4.44 -13.67 4.04
N ILE A 112 3.35 -13.52 4.79
CA ILE A 112 3.34 -13.92 6.19
C ILE A 112 3.37 -15.45 6.29
N ILE A 113 2.44 -16.09 5.58
CA ILE A 113 2.37 -17.54 5.55
C ILE A 113 3.65 -18.16 5.00
N MET A 114 3.98 -17.79 3.76
CA MET A 114 5.18 -18.30 3.11
C MET A 114 6.44 -17.92 3.86
N GLY A 115 6.39 -16.81 4.59
CA GLY A 115 7.49 -16.39 5.42
C GLY A 115 8.50 -15.52 4.69
N THR A 116 8.13 -15.07 3.50
CA THR A 116 9.02 -14.26 2.68
C THR A 116 8.76 -12.76 2.86
N ASN A 117 8.29 -12.39 4.05
CA ASN A 117 7.97 -11.01 4.33
C ASN A 117 9.19 -10.18 4.73
N MET A 118 9.42 -9.10 4.00
CA MET A 118 10.53 -8.20 4.25
C MET A 118 10.36 -7.46 5.57
N GLU A 119 9.10 -7.21 5.94
CA GLU A 119 8.77 -6.37 7.08
C GLU A 119 9.25 -6.93 8.42
N GLY A 120 9.38 -6.06 9.40
CA GLY A 120 9.76 -6.45 10.75
C GLY A 120 8.56 -6.51 11.67
N VAL A 127 7.32 -8.13 16.43
CA VAL A 127 6.42 -9.25 16.68
C VAL A 127 7.16 -10.58 16.58
N GLU A 128 7.18 -11.13 15.36
CA GLU A 128 7.83 -12.40 15.05
C GLU A 128 7.22 -13.58 15.82
N ASN A 129 6.14 -13.32 16.55
CA ASN A 129 5.44 -14.38 17.28
C ASN A 129 4.66 -15.26 16.33
N ASN A 130 4.26 -14.69 15.21
CA ASN A 130 3.60 -15.45 14.15
C ASN A 130 4.63 -16.12 13.25
N LEU A 131 5.80 -15.50 13.16
CA LEU A 131 6.91 -16.07 12.40
C LEU A 131 7.48 -17.28 13.14
N ARG A 132 7.20 -17.36 14.44
CA ARG A 132 7.64 -18.47 15.26
C ARG A 132 6.50 -19.47 15.48
N SER A 133 5.27 -18.97 15.53
CA SER A 133 4.10 -19.84 15.69
C SER A 133 3.87 -20.65 14.43
N ILE A 134 3.95 -19.98 13.28
CA ILE A 134 3.78 -20.64 12.00
C ILE A 134 5.01 -21.48 11.65
N PHE A 135 6.06 -21.36 12.46
CA PHE A 135 7.26 -22.16 12.28
C PHE A 135 7.21 -23.42 13.13
N GLY A 136 6.70 -23.27 14.36
CA GLY A 136 6.57 -24.39 15.27
C GLY A 136 5.35 -25.24 14.97
N THR A 137 4.68 -24.87 13.91
CA THR A 137 3.54 -25.62 13.47
C THR A 137 3.83 -26.38 12.21
N ASP A 138 4.98 -26.16 11.58
CA ASP A 138 5.22 -26.84 10.32
C ASP A 138 6.59 -27.42 10.08
N GLU A 139 7.57 -26.56 9.87
CA GLU A 139 8.89 -27.06 9.56
C GLU A 139 9.95 -26.04 9.84
N LYS A 140 11.17 -26.52 10.08
CA LYS A 140 12.32 -25.66 10.34
C LYS A 140 13.46 -25.87 9.35
N ALA A 141 13.26 -26.78 8.40
CA ALA A 141 14.19 -27.03 7.31
C ALA A 141 13.30 -26.67 6.12
N LYS A 142 13.61 -27.20 4.95
CA LYS A 142 13.03 -26.71 3.71
C LYS A 142 11.55 -26.50 4.01
N GLN A 143 11.01 -25.37 3.58
CA GLN A 143 9.63 -25.05 3.90
C GLN A 143 8.86 -24.59 2.68
N ASP A 144 8.37 -25.55 1.91
CA ASP A 144 7.32 -25.26 0.98
C ASP A 144 6.05 -25.35 1.82
N ARG A 145 5.81 -24.30 2.61
CA ARG A 145 4.48 -23.99 3.07
C ARG A 145 3.94 -23.11 1.95
N LYS A 146 4.82 -22.83 0.99
CA LYS A 146 4.55 -22.19 -0.29
C LYS A 146 3.30 -22.75 -0.94
N GLN A 147 3.39 -24.05 -1.16
CA GLN A 147 2.37 -24.89 -1.75
C GLN A 147 1.15 -24.91 -0.87
N TRP A 148 1.34 -24.89 0.45
CA TRP A 148 0.18 -24.88 1.34
C TRP A 148 -0.62 -23.60 1.10
N TRP A 149 0.07 -22.48 0.99
CA TRP A 149 -0.58 -21.20 0.70
C TRP A 149 -1.17 -21.27 -0.71
N ASN A 150 -0.41 -21.85 -1.62
CA ASN A 150 -0.80 -22.02 -3.02
C ASN A 150 -2.04 -22.90 -3.16
N GLU A 151 -2.09 -23.95 -2.35
CA GLU A 151 -3.19 -24.89 -2.39
C GLU A 151 -4.42 -24.09 -2.04
N SER A 152 -4.31 -23.19 -1.08
CA SER A 152 -5.47 -22.40 -0.80
C SER A 152 -5.18 -20.98 -0.43
N LYS A 153 -5.44 -20.08 -1.37
CA LYS A 153 -5.35 -18.65 -1.16
C LYS A 153 -6.59 -18.07 -1.79
N GLU A 154 -7.08 -18.80 -2.79
CA GLU A 154 -8.37 -18.52 -3.41
C GLU A 154 -9.45 -18.52 -2.34
N HIS A 155 -9.43 -19.53 -1.49
CA HIS A 155 -10.42 -19.68 -0.42
C HIS A 155 -10.33 -18.54 0.59
N ILE A 156 -9.10 -18.21 0.98
CA ILE A 156 -8.83 -17.07 1.84
C ILE A 156 -9.36 -15.79 1.19
N TRP A 157 -9.21 -15.71 -0.13
CA TRP A 157 -9.70 -14.58 -0.89
C TRP A 157 -11.22 -14.47 -0.79
N ARG A 158 -11.94 -15.58 -0.98
CA ARG A 158 -13.39 -15.55 -0.82
C ARG A 158 -13.76 -15.19 0.61
N ALA A 159 -12.89 -15.55 1.56
CA ALA A 159 -13.11 -15.18 2.95
C ALA A 159 -13.04 -13.66 3.12
N MET A 160 -12.10 -13.02 2.42
CA MET A 160 -12.00 -11.56 2.47
C MET A 160 -13.20 -10.90 1.79
N MET A 161 -13.63 -11.48 0.67
CA MET A 161 -14.75 -10.93 -0.10
C MET A 161 -16.10 -11.34 0.49
N PHE A 162 -16.08 -12.07 1.60
CA PHE A 162 -17.30 -12.63 2.17
C PHE A 162 -18.29 -11.57 2.64
N SER A 163 -17.81 -10.62 3.44
CA SER A 163 -18.67 -9.59 4.02
C SER A 163 -19.46 -8.85 2.95
N LEU A 164 -18.73 -8.18 2.05
CA LEU A 164 -19.34 -7.41 0.97
C LEU A 164 -20.39 -8.21 0.19
N ARG A 165 -20.03 -9.43 -0.20
CA ARG A 165 -20.91 -10.25 -1.01
C ARG A 165 -22.14 -10.70 -0.24
N SER A 166 -21.98 -10.91 1.06
CA SER A 166 -23.10 -11.28 1.91
C SER A 166 -24.00 -10.07 2.15
N ARG A 167 -23.44 -8.89 1.94
CA ARG A 167 -24.19 -7.65 2.11
C ARG A 167 -24.95 -7.27 0.85
N LEU A 168 -24.35 -7.52 -0.30
CA LEU A 168 -24.99 -7.20 -1.55
C LEU A 168 -25.91 -8.26 -2.05
N LYS A 169 -25.71 -9.48 -1.59
CA LYS A 169 -26.55 -10.60 -1.96
C LYS A 169 -26.63 -10.76 -3.46
N GLU A 170 -27.83 -10.83 -3.98
CA GLU A 170 -28.00 -11.00 -5.41
C GLU A 170 -27.42 -9.83 -6.16
N LYS A 171 -27.47 -8.67 -5.56
CA LYS A 171 -27.00 -7.46 -6.21
C LYS A 171 -25.48 -7.45 -6.37
N PHE A 172 -24.83 -8.53 -5.93
CA PHE A 172 -23.38 -8.61 -5.99
C PHE A 172 -22.88 -8.78 -7.42
N VAL A 173 -21.80 -8.08 -7.73
CA VAL A 173 -21.14 -8.21 -9.03
C VAL A 173 -19.63 -8.33 -8.85
N TRP A 174 -18.97 -9.03 -9.76
CA TRP A 174 -17.52 -9.20 -9.70
C TRP A 174 -16.79 -8.05 -10.40
N ILE A 175 -16.35 -7.06 -9.62
CA ILE A 175 -15.50 -6.00 -10.18
C ILE A 175 -14.06 -6.15 -9.72
N CYS A 176 -13.81 -7.13 -8.84
CA CYS A 176 -12.46 -7.43 -8.40
C CYS A 176 -11.87 -8.54 -9.26
N LYS A 177 -11.07 -8.15 -10.25
CA LYS A 177 -10.47 -9.11 -11.19
C LYS A 177 -9.61 -10.13 -10.46
N LYS A 178 -10.04 -11.39 -10.54
CA LYS A 178 -9.59 -12.45 -9.64
C LYS A 178 -8.15 -12.91 -9.80
N ASP A 179 -7.77 -13.34 -11.00
CA ASP A 179 -6.47 -14.00 -11.17
C ASP A 179 -5.29 -13.05 -11.08
N VAL A 180 -5.54 -11.76 -11.29
CA VAL A 180 -4.51 -10.75 -11.03
C VAL A 180 -4.33 -10.62 -9.53
N THR A 181 -5.43 -10.76 -8.80
CA THR A 181 -5.43 -10.66 -7.35
C THR A 181 -4.78 -11.88 -6.71
N LEU A 182 -4.90 -13.04 -7.35
CA LEU A 182 -4.37 -14.28 -6.80
C LEU A 182 -2.94 -14.56 -7.26
N LYS A 183 -2.53 -13.91 -8.35
CA LYS A 183 -1.19 -14.13 -8.89
C LYS A 183 -0.11 -13.72 -7.88
N VAL A 184 0.72 -14.68 -7.50
CA VAL A 184 1.76 -14.45 -6.51
C VAL A 184 2.84 -13.53 -7.04
N GLU A 185 3.19 -12.51 -6.26
CA GLU A 185 4.26 -11.59 -6.63
C GLU A 185 4.97 -11.11 -5.37
N PRO A 186 6.28 -10.80 -5.50
CA PRO A 186 7.06 -10.30 -4.35
C PRO A 186 6.43 -9.02 -3.83
N GLN A 187 6.29 -8.90 -2.54
CA GLN A 187 5.59 -7.76 -2.05
C GLN A 187 6.17 -6.44 -2.49
N ILE A 188 7.47 -6.37 -2.54
CA ILE A 188 8.10 -5.12 -2.91
C ILE A 188 7.28 -4.55 -4.06
N TYR A 189 6.93 -5.41 -5.01
CA TYR A 189 6.12 -5.02 -6.16
C TYR A 189 4.79 -4.48 -5.68
N ARG A 190 4.07 -5.29 -4.92
CA ARG A 190 2.78 -4.94 -4.36
C ARG A 190 2.81 -3.60 -3.63
N TRP A 191 3.79 -3.43 -2.76
CA TRP A 191 3.92 -2.20 -1.98
C TRP A 191 4.23 -1.01 -2.88
N ILE A 192 4.94 -1.26 -3.98
CA ILE A 192 5.25 -0.20 -4.93
C ILE A 192 3.98 0.24 -5.66
N ARG A 193 3.14 -0.71 -6.04
CA ARG A 193 1.88 -0.41 -6.70
C ARG A 193 0.96 0.38 -5.77
N GLU A 194 0.86 -0.11 -4.54
CA GLU A 194 0.08 0.53 -3.49
C GLU A 194 0.54 1.96 -3.26
N TRP A 195 1.85 2.13 -3.12
CA TRP A 195 2.45 3.45 -2.93
C TRP A 195 2.13 4.36 -4.10
N GLY A 196 2.18 3.80 -5.30
CA GLY A 196 1.85 4.54 -6.51
C GLY A 196 0.44 5.06 -6.48
N ARG A 197 -0.50 4.21 -6.10
CA ARG A 197 -1.90 4.63 -5.99
C ARG A 197 -2.05 5.72 -4.93
N ASP A 198 -1.33 5.56 -3.81
CA ASP A 198 -1.34 6.56 -2.75
C ASP A 198 -0.87 7.92 -3.26
N TYR A 199 0.29 7.95 -3.89
CA TYR A 199 0.88 9.17 -4.41
C TYR A 199 -0.03 9.83 -5.44
N MET A 200 -0.50 9.04 -6.40
CA MET A 200 -1.35 9.56 -7.46
C MET A 200 -2.70 10.02 -6.91
N SER A 201 -3.05 9.55 -5.71
CA SER A 201 -4.28 9.99 -5.06
C SER A 201 -4.08 11.26 -4.23
N GLU A 202 -2.86 11.43 -3.69
CA GLU A 202 -2.57 12.57 -2.83
C GLU A 202 -2.16 13.80 -3.61
N LEU A 203 -1.55 13.58 -4.78
CA LEU A 203 -1.00 14.67 -5.58
C LEU A 203 -2.03 15.75 -5.95
N PRO A 204 -3.19 15.36 -6.53
CA PRO A 204 -4.15 16.43 -6.87
C PRO A 204 -4.69 17.15 -5.65
N LYS A 205 -4.73 16.47 -4.51
CA LYS A 205 -5.21 17.07 -3.27
C LYS A 205 -4.23 18.14 -2.78
N GLU A 206 -2.95 17.80 -2.80
CA GLU A 206 -1.90 18.69 -2.33
C GLU A 206 -1.71 19.88 -3.27
N GLN A 207 -1.72 19.60 -4.57
CA GLN A 207 -1.69 20.65 -5.59
C GLN A 207 -2.92 21.55 -5.43
N GLY A 208 -4.04 20.93 -5.07
CA GLY A 208 -5.29 21.65 -4.89
C GLY A 208 -5.24 22.62 -3.74
N LYS A 209 -4.82 22.15 -2.57
CA LYS A 209 -4.76 23.02 -1.39
C LYS A 209 -3.64 24.06 -1.52
N LEU A 210 -2.56 23.69 -2.19
CA LEU A 210 -1.49 24.64 -2.45
C LEU A 210 -1.99 25.77 -3.34
N ASN A 211 -2.65 25.41 -4.43
CA ASN A 211 -3.21 26.37 -5.37
C ASN A 211 -4.28 27.24 -4.72
N GLU A 212 -5.06 26.63 -3.82
CA GLU A 212 -6.16 27.34 -3.17
C GLU A 212 -5.68 28.40 -2.18
N LYS A 213 -4.45 28.24 -1.69
CA LYS A 213 -3.91 29.14 -0.69
C LYS A 213 -2.74 29.97 -1.21
N CYS A 214 -2.45 29.86 -2.51
CA CYS A 214 -1.34 30.59 -3.11
C CYS A 214 -1.70 31.30 -4.41
N ALA A 215 -2.64 30.74 -5.17
CA ALA A 215 -3.00 31.31 -6.47
C ALA A 215 -3.42 32.77 -6.34
N SER A 216 -2.86 33.59 -7.22
CA SER A 216 -3.12 35.01 -7.21
C SER A 216 -3.45 35.50 -8.61
N LYS A 217 -4.19 36.61 -8.68
CA LYS A 217 -4.55 37.20 -9.97
C LYS A 217 -3.30 37.65 -10.70
N LEU A 218 -3.43 37.91 -12.00
CA LEU A 218 -2.26 38.12 -12.86
C LEU A 218 -1.49 39.41 -12.58
N TYR A 219 -2.06 40.31 -11.77
CA TYR A 219 -1.35 41.55 -11.46
C TYR A 219 -0.76 41.55 -10.05
N TYR A 220 -0.80 40.40 -9.39
CA TYR A 220 -0.09 40.20 -8.13
C TYR A 220 1.32 39.69 -8.43
N ASN A 221 2.32 40.23 -7.77
CA ASN A 221 3.68 39.70 -7.85
C ASN A 221 3.72 38.34 -7.12
N ASN A 222 3.84 37.17 -7.78
CA ASN A 222 3.57 35.98 -6.97
C ASN A 222 4.78 35.75 -6.06
N MET A 223 5.87 36.49 -6.26
CA MET A 223 7.01 36.39 -5.33
C MET A 223 6.59 36.92 -3.97
N ALA A 224 5.95 38.09 -3.98
CA ALA A 224 5.47 38.70 -2.75
C ALA A 224 4.38 37.85 -2.09
N ILE A 225 3.47 37.34 -2.89
CA ILE A 225 2.40 36.48 -2.38
C ILE A 225 3.05 35.24 -1.77
N CYS A 226 4.05 34.70 -2.46
CA CYS A 226 4.77 33.53 -1.98
C CYS A 226 5.39 33.80 -0.61
N MET A 227 5.97 34.97 -0.45
CA MET A 227 6.60 35.33 0.82
C MET A 227 5.56 35.51 1.92
N LEU A 228 4.44 36.15 1.60
CA LEU A 228 3.38 36.38 2.57
C LEU A 228 2.90 35.06 3.19
N PRO A 229 2.65 35.07 4.51
CA PRO A 229 2.38 33.91 5.36
C PRO A 229 1.49 32.83 4.75
N LEU A 230 0.32 33.22 4.24
CA LEU A 230 -0.68 32.27 3.76
C LEU A 230 -0.12 31.31 2.71
N CYS A 231 0.52 31.85 1.69
CA CYS A 231 1.06 31.03 0.63
C CYS A 231 2.38 30.38 1.03
N HIS A 232 3.12 31.04 1.93
CA HIS A 232 4.41 30.50 2.37
C HIS A 232 4.23 29.20 3.13
N ASP A 233 3.39 29.22 4.16
CA ASP A 233 3.11 28.04 4.96
C ASP A 233 2.61 26.88 4.11
N ALA A 234 1.69 27.19 3.20
CA ALA A 234 1.14 26.19 2.29
C ALA A 234 2.22 25.59 1.39
N CYS A 235 3.08 26.45 0.88
CA CYS A 235 4.16 26.02 0.00
C CYS A 235 5.16 25.12 0.71
N LYS A 236 5.45 25.44 1.97
CA LYS A 236 6.39 24.65 2.76
C LYS A 236 5.75 23.34 3.22
N SER A 237 4.44 23.35 3.39
CA SER A 237 3.70 22.13 3.69
C SER A 237 3.76 21.19 2.48
N TYR A 238 3.53 21.74 1.30
CA TYR A 238 3.71 21.00 0.07
C TYR A 238 5.11 20.42 0.03
N ASP A 239 6.09 21.26 0.36
CA ASP A 239 7.49 20.83 0.40
C ASP A 239 7.68 19.62 1.31
N GLN A 240 7.04 19.67 2.47
CA GLN A 240 7.10 18.54 3.42
C GLN A 240 6.58 17.28 2.76
N TRP A 241 5.38 17.39 2.20
CA TRP A 241 4.73 16.24 1.58
C TRP A 241 5.56 15.63 0.45
N ILE A 242 6.01 16.46 -0.49
CA ILE A 242 6.77 15.97 -1.62
C ILE A 242 8.15 15.48 -1.17
N THR A 243 8.63 16.00 -0.04
CA THR A 243 9.91 15.58 0.51
C THR A 243 9.82 14.16 1.02
N ARG A 244 8.81 13.89 1.84
CA ARG A 244 8.64 12.53 2.34
C ARG A 244 8.21 11.59 1.22
N LYS A 245 7.58 12.14 0.18
CA LYS A 245 7.25 11.33 -1.00
C LYS A 245 8.50 10.87 -1.72
N LYS A 246 9.45 11.79 -1.92
CA LYS A 246 10.71 11.44 -2.57
C LYS A 246 11.54 10.53 -1.68
N LYS A 247 11.51 10.74 -0.37
CA LYS A 247 12.23 9.89 0.56
C LYS A 247 11.71 8.46 0.47
N GLN A 248 10.39 8.33 0.55
CA GLN A 248 9.73 7.03 0.41
C GLN A 248 10.09 6.35 -0.90
N TRP A 249 9.89 7.04 -2.02
CA TRP A 249 10.18 6.46 -3.32
C TRP A 249 11.65 6.08 -3.44
N ASP A 250 12.52 6.86 -2.83
CA ASP A 250 13.95 6.56 -2.79
C ASP A 250 14.19 5.22 -2.12
N VAL A 251 13.71 5.10 -0.88
CA VAL A 251 13.92 3.88 -0.10
C VAL A 251 13.32 2.66 -0.81
N LEU A 252 12.12 2.82 -1.37
CA LEU A 252 11.42 1.72 -2.01
C LEU A 252 12.00 1.32 -3.36
N SER A 253 12.63 2.28 -4.04
CA SER A 253 13.22 2.02 -5.35
C SER A 253 14.59 1.38 -5.18
N THR A 254 15.37 1.92 -4.25
CA THR A 254 16.61 1.30 -3.85
C THR A 254 16.28 -0.10 -3.36
N LYS A 255 15.12 -0.24 -2.73
CA LYS A 255 14.67 -1.54 -2.28
C LYS A 255 14.24 -2.42 -3.44
N PHE A 256 13.72 -1.86 -4.54
CA PHE A 256 13.38 -2.71 -5.67
C PHE A 256 14.65 -3.26 -6.28
N SER A 257 15.62 -2.37 -6.45
CA SER A 257 16.93 -2.76 -6.91
C SER A 257 17.69 -3.56 -5.86
N SER A 258 17.22 -3.53 -4.63
CA SER A 258 17.86 -4.34 -3.64
C SER A 258 17.58 -5.80 -3.86
N VAL A 259 16.32 -6.10 -4.15
CA VAL A 259 15.90 -7.49 -4.29
C VAL A 259 16.41 -8.36 -5.42
N LYS A 260 16.24 -7.87 -6.64
CA LYS A 260 16.47 -8.69 -7.80
C LYS A 260 17.88 -9.22 -7.77
N LYS A 261 18.79 -8.32 -7.45
CA LYS A 261 20.19 -8.65 -7.36
C LYS A 261 20.18 -9.86 -6.50
N THR A 262 19.78 -9.65 -5.25
CA THR A 262 19.78 -10.74 -4.30
C THR A 262 18.86 -11.86 -4.74
N GLN A 263 17.69 -11.54 -5.27
CA GLN A 263 16.79 -12.61 -5.67
C GLN A 263 16.70 -12.95 -7.14
N LYS A 264 16.54 -11.95 -7.97
CA LYS A 264 16.37 -12.16 -9.41
C LYS A 264 15.22 -13.14 -9.65
N ILE A 265 15.47 -14.19 -10.43
CA ILE A 265 14.47 -15.21 -10.76
C ILE A 265 13.17 -14.63 -11.29
N ASN A 269 9.09 -10.43 -12.96
CA ASN A 269 8.85 -10.56 -14.39
C ASN A 269 9.03 -9.25 -15.13
N ILE A 270 9.49 -8.21 -14.43
CA ILE A 270 9.73 -6.88 -15.00
C ILE A 270 11.00 -6.29 -14.44
N ALA A 271 11.66 -5.41 -15.19
CA ALA A 271 12.89 -4.83 -14.68
C ALA A 271 12.86 -3.37 -14.22
N THR A 272 12.25 -2.49 -15.00
CA THR A 272 12.22 -1.06 -14.66
C THR A 272 11.30 -0.81 -13.49
N ALA A 273 11.85 -0.52 -12.32
CA ALA A 273 10.94 -0.34 -11.21
C ALA A 273 9.75 0.50 -11.61
N TYR A 274 9.97 1.54 -12.37
CA TYR A 274 8.90 2.37 -12.80
C TYR A 274 7.93 1.55 -13.63
N ASP A 275 8.43 0.68 -14.48
CA ASP A 275 7.48 -0.01 -15.33
C ASP A 275 6.25 -0.48 -14.57
N ILE A 276 6.46 -0.87 -13.32
CA ILE A 276 5.37 -1.33 -12.46
C ILE A 276 4.39 -0.18 -12.35
N LEU A 277 4.90 1.00 -12.01
CA LEU A 277 4.03 2.16 -11.93
C LEU A 277 3.38 2.49 -13.27
N LYS A 278 4.11 2.28 -14.36
CA LYS A 278 3.57 2.52 -15.70
C LYS A 278 2.36 1.62 -15.93
N GLN A 279 2.35 0.47 -15.25
CA GLN A 279 1.32 -0.54 -15.43
C GLN A 279 0.14 -0.34 -14.49
N GLU A 280 0.31 0.51 -13.49
CA GLU A 280 -0.68 0.62 -12.41
C GLU A 280 -1.80 1.63 -12.68
N LEU A 281 -1.44 2.85 -13.07
CA LEU A 281 -2.43 3.90 -13.28
C LEU A 281 -2.58 4.28 -14.75
N ASN A 282 -3.70 4.91 -15.08
CA ASN A 282 -4.02 5.28 -16.45
C ASN A 282 -2.98 6.19 -17.10
N GLY A 283 -2.77 7.36 -16.50
CA GLY A 283 -1.82 8.31 -17.05
C GLY A 283 -0.54 8.47 -16.25
N PHE A 284 0.52 7.82 -16.70
CA PHE A 284 1.82 7.91 -16.03
C PHE A 284 2.98 7.98 -17.01
N LYS A 285 3.69 9.10 -17.00
CA LYS A 285 4.96 9.20 -17.69
C LYS A 285 6.06 9.47 -16.67
N GLU A 286 7.19 8.81 -16.84
CA GLU A 286 8.33 8.94 -15.94
C GLU A 286 8.74 10.39 -15.71
N ALA A 287 8.95 11.10 -16.83
CA ALA A 287 9.43 12.49 -16.83
C ALA A 287 8.68 13.35 -15.83
N THR A 288 7.36 13.45 -16.02
CA THR A 288 6.52 14.25 -15.13
C THR A 288 6.67 13.80 -13.67
N PHE A 289 6.92 12.52 -13.46
CA PHE A 289 7.02 11.98 -12.12
C PHE A 289 8.29 12.45 -11.40
N GLU A 290 9.40 12.26 -12.06
CA GLU A 290 10.68 12.64 -11.53
C GLU A 290 10.71 14.12 -11.33
N ASN A 291 10.14 14.80 -12.29
CA ASN A 291 10.04 16.25 -12.33
C ASN A 291 9.15 16.78 -11.20
N GLU A 292 8.22 15.93 -10.76
CA GLU A 292 7.34 16.29 -9.65
C GLU A 292 8.00 16.06 -8.30
N ILE A 293 8.67 14.92 -8.15
CA ILE A 293 9.24 14.55 -6.85
C ILE A 293 10.56 15.27 -6.56
N ASN A 294 11.15 15.86 -7.59
CA ASN A 294 12.37 16.64 -7.41
C ASN A 294 12.05 18.12 -7.29
N LYS A 295 10.77 18.42 -7.12
CA LYS A 295 10.28 19.79 -6.92
C LYS A 295 10.65 20.71 -8.08
N ARG A 296 10.88 20.10 -9.24
CA ARG A 296 11.11 20.85 -10.47
C ARG A 296 9.79 21.06 -11.19
N ASP A 297 8.70 20.77 -10.47
CA ASP A 297 7.34 20.93 -10.98
C ASP A 297 7.10 22.36 -11.43
N ASN A 298 6.36 22.52 -12.52
CA ASN A 298 6.03 23.83 -13.04
C ASN A 298 5.17 24.62 -12.06
N LEU A 299 4.11 23.97 -11.58
CA LEU A 299 3.16 24.57 -10.66
C LEU A 299 3.81 25.01 -9.36
N TYR A 300 4.62 24.13 -8.77
CA TYR A 300 5.30 24.43 -7.52
C TYR A 300 6.30 25.57 -7.68
N ASN A 301 6.99 25.58 -8.81
CA ASN A 301 7.98 26.62 -9.08
C ASN A 301 7.34 27.95 -9.46
N HIS A 302 6.07 27.91 -9.84
CA HIS A 302 5.34 29.14 -10.15
C HIS A 302 4.71 29.74 -8.89
N LEU A 303 3.93 28.92 -8.18
CA LEU A 303 3.23 29.38 -6.98
C LEU A 303 4.18 29.79 -5.87
N CYS A 304 5.15 28.93 -5.58
CA CYS A 304 6.09 29.20 -4.50
C CYS A 304 7.55 29.21 -4.93
N PRO A 305 7.99 30.34 -5.47
CA PRO A 305 9.38 30.51 -5.89
C PRO A 305 10.26 31.13 -4.81
N CYS A 306 9.68 31.45 -3.67
CA CYS A 306 10.42 32.07 -2.57
C CYS A 306 11.13 31.03 -1.71
N VAL A 307 11.25 29.81 -2.24
CA VAL A 307 11.92 28.73 -1.53
C VAL A 307 12.92 28.02 -2.45
N VAL A 308 13.95 27.43 -1.84
C1 BOG B . -8.97 39.58 -12.18
O1 BOG B . -8.28 40.48 -12.99
C2 BOG B . -10.42 40.00 -12.13
O2 BOG B . -10.51 41.23 -11.37
C3 BOG B . -11.29 38.99 -11.51
O3 BOG B . -12.68 39.39 -11.67
C4 BOG B . -11.09 37.63 -12.11
O4 BOG B . -11.90 36.66 -11.39
C5 BOG B . -9.63 37.22 -12.04
O5 BOG B . -8.77 38.19 -12.70
C6 BOG B . -9.44 35.89 -12.66
O6 BOG B . -8.03 35.63 -12.82
C1' BOG B . -7.00 40.03 -13.38
C2' BOG B . -6.86 40.16 -14.91
C3' BOG B . -5.40 39.98 -15.30
C4' BOG B . -4.75 41.35 -15.53
C5' BOG B . -3.37 41.16 -16.08
C6' BOG B . -2.91 42.41 -16.80
C7' BOG B . -1.70 42.09 -17.64
C8' BOG B . -1.75 42.90 -18.90
S SO4 C . -6.67 -3.25 -12.13
O1 SO4 C . -5.29 -2.96 -11.75
O2 SO4 C . -7.26 -2.08 -12.77
O3 SO4 C . -6.68 -4.38 -13.06
O4 SO4 C . -7.44 -3.61 -10.94
S SO4 D . -3.57 -0.21 15.81
O1 SO4 D . -2.63 -0.26 14.68
O2 SO4 D . -3.84 1.18 16.15
O3 SO4 D . -4.81 -0.87 15.43
O4 SO4 D . -2.98 -0.90 16.95
#